data_5WAQ
#
_entry.id   5WAQ
#
_cell.length_a   64.415
_cell.length_b   64.415
_cell.length_c   166.392
_cell.angle_alpha   90.000
_cell.angle_beta   90.000
_cell.angle_gamma   90.000
#
_symmetry.space_group_name_H-M   'P 43 21 2'
#
loop_
_entity.id
_entity.type
_entity.pdbx_description
1 polymer 'Outer membrane protein assembly factor BamD'
2 water water
#
_entity_poly.entity_id   1
_entity_poly.type   'polypeptide(L)'
_entity_poly.pdbx_seq_one_letter_code
;GATQGTADKDAQITQDWSVEKLYAEAQDELNSSNYTRAVKLYEILESRFPTSRHARQSQLDTAYAYYKDDEKDKALAAIE
RFRRLHPQHPNMDYALYLRGLVLFNEDQSFLNKLASQDWSDRDPKANREAYQAFAELVQRFPNSKYAADATARMVKLVDA
LGGNEMSVARYYMKRGAYIAAANRAKKIIGSYQNTRYVEESLAILELAYKKLDKPQLAADTRRVLETNFPKSPFLTHAWQ
PDDMPWWRYWH
;
_entity_poly.pdbx_strand_id   A
#
# COMPACT_ATOMS: atom_id res chain seq x y z
N THR A 14 -11.06 39.04 -8.27
CA THR A 14 -10.23 40.02 -7.59
C THR A 14 -10.21 39.72 -6.08
N GLN A 15 -9.01 39.60 -5.51
CA GLN A 15 -8.89 39.25 -4.10
C GLN A 15 -7.50 39.58 -3.59
N ASP A 16 -7.18 40.87 -3.52
CA ASP A 16 -5.86 41.31 -3.08
C ASP A 16 -5.88 41.40 -1.55
N TRP A 17 -5.63 40.26 -0.90
CA TRP A 17 -5.68 40.17 0.56
C TRP A 17 -4.33 39.75 1.11
N SER A 18 -4.32 39.23 2.34
CA SER A 18 -3.12 38.73 2.98
C SER A 18 -2.97 37.23 2.71
N VAL A 19 -1.87 36.66 3.18
CA VAL A 19 -1.66 35.22 3.04
C VAL A 19 -2.54 34.44 4.02
N GLU A 20 -2.79 35.00 5.20
CA GLU A 20 -3.59 34.30 6.21
C GLU A 20 -5.04 34.15 5.75
N LYS A 21 -5.64 35.23 5.24
CA LYS A 21 -7.03 35.16 4.82
C LYS A 21 -7.18 34.35 3.54
N LEU A 22 -6.29 34.56 2.57
CA LEU A 22 -6.40 33.84 1.31
C LEU A 22 -6.40 32.33 1.53
N TYR A 23 -5.57 31.85 2.46
CA TYR A 23 -5.56 30.42 2.77
C TYR A 23 -6.84 30.01 3.47
N ALA A 24 -7.26 30.77 4.49
CA ALA A 24 -8.50 30.46 5.18
C ALA A 24 -9.70 30.52 4.25
N GLU A 25 -9.62 31.32 3.19
CA GLU A 25 -10.72 31.40 2.23
C GLU A 25 -10.77 30.14 1.36
N ALA A 26 -9.63 29.76 0.77
CA ALA A 26 -9.57 28.54 -0.01
C ALA A 26 -9.93 27.32 0.84
N GLN A 27 -9.46 27.31 2.09
CA GLN A 27 -9.78 26.21 3.00
C GLN A 27 -11.27 26.11 3.27
N ASP A 28 -12.01 27.21 3.13
CA ASP A 28 -13.46 27.18 3.33
C ASP A 28 -14.17 26.57 2.13
N GLU A 29 -13.82 27.00 0.92
CA GLU A 29 -14.37 26.38 -0.29
C GLU A 29 -14.10 24.88 -0.33
N LEU A 30 -13.13 24.40 0.43
CA LEU A 30 -12.82 22.98 0.46
C LEU A 30 -13.88 22.20 1.23
N ASN A 31 -14.28 22.71 2.39
CA ASN A 31 -15.31 22.03 3.19
C ASN A 31 -16.64 22.01 2.45
N SER A 32 -17.06 23.16 1.90
CA SER A 32 -18.29 23.23 1.13
C SER A 32 -18.22 22.44 -0.17
N SER A 33 -17.07 21.85 -0.50
CA SER A 33 -16.93 20.95 -1.64
C SER A 33 -16.96 21.70 -2.98
N ASN A 34 -16.49 22.95 -2.99
CA ASN A 34 -16.28 23.68 -4.24
C ASN A 34 -14.84 23.49 -4.71
N TYR A 35 -14.51 22.21 -4.96
CA TYR A 35 -13.12 21.85 -5.27
C TYR A 35 -12.58 22.59 -6.48
N THR A 36 -13.46 22.97 -7.41
CA THR A 36 -13.01 23.71 -8.58
C THR A 36 -12.53 25.11 -8.20
N ARG A 37 -13.29 25.80 -7.35
CA ARG A 37 -12.90 27.14 -6.91
C ARG A 37 -11.83 27.09 -5.82
N ALA A 38 -11.83 26.05 -4.99
CA ALA A 38 -10.80 25.93 -3.96
C ALA A 38 -9.42 25.75 -4.58
N VAL A 39 -9.35 24.99 -5.68
CA VAL A 39 -8.06 24.82 -6.37
C VAL A 39 -7.64 26.12 -7.03
N LYS A 40 -8.59 26.85 -7.61
CA LYS A 40 -8.27 28.12 -8.24
C LYS A 40 -7.71 29.12 -7.24
N LEU A 41 -8.20 29.07 -5.99
CA LEU A 41 -7.67 29.95 -4.96
C LEU A 41 -6.28 29.49 -4.50
N TYR A 42 -6.06 28.17 -4.46
CA TYR A 42 -4.77 27.66 -4.05
C TYR A 42 -3.67 28.04 -5.04
N GLU A 43 -4.00 28.15 -6.33
CA GLU A 43 -3.01 28.55 -7.32
C GLU A 43 -2.66 30.03 -7.18
N ILE A 44 -3.66 30.87 -6.96
CA ILE A 44 -3.39 32.29 -6.70
C ILE A 44 -2.46 32.44 -5.51
N LEU A 45 -2.65 31.60 -4.49
CA LEU A 45 -1.86 31.72 -3.27
C LEU A 45 -0.37 31.52 -3.55
N GLU A 46 -0.02 30.42 -4.22
CA GLU A 46 1.38 30.11 -4.47
C GLU A 46 1.99 30.99 -5.55
N SER A 47 1.18 31.58 -6.42
CA SER A 47 1.70 32.57 -7.36
C SER A 47 1.96 33.91 -6.68
N ARG A 48 1.09 34.29 -5.75
CA ARG A 48 1.21 35.58 -5.07
C ARG A 48 2.09 35.51 -3.83
N PHE A 49 2.28 34.32 -3.25
CA PHE A 49 3.14 34.14 -2.08
C PHE A 49 3.90 32.84 -2.24
N PRO A 50 4.80 32.76 -3.23
CA PRO A 50 5.46 31.48 -3.51
C PRO A 50 6.32 30.96 -2.37
N THR A 51 6.86 31.84 -1.52
CA THR A 51 7.77 31.41 -0.46
C THR A 51 7.06 31.16 0.86
N SER A 52 5.77 31.45 0.97
CA SER A 52 5.04 31.28 2.22
C SER A 52 4.92 29.79 2.55
N ARG A 53 4.79 29.51 3.85
CA ARG A 53 4.56 28.13 4.27
C ARG A 53 3.16 27.68 3.88
N HIS A 54 2.22 28.62 3.75
CA HIS A 54 0.89 28.26 3.29
C HIS A 54 0.91 27.81 1.84
N ALA A 55 1.89 28.26 1.06
CA ALA A 55 2.02 27.80 -0.31
C ALA A 55 2.43 26.34 -0.37
N ARG A 56 3.39 25.95 0.47
CA ARG A 56 3.78 24.54 0.55
C ARG A 56 2.62 23.69 1.04
N GLN A 57 1.93 24.15 2.09
CA GLN A 57 0.74 23.45 2.54
C GLN A 57 -0.36 23.48 1.51
N SER A 58 -0.41 24.55 0.70
CA SER A 58 -1.45 24.66 -0.33
C SER A 58 -1.33 23.55 -1.35
N GLN A 59 -0.10 23.15 -1.69
CA GLN A 59 0.08 22.10 -2.70
C GLN A 59 -0.51 20.79 -2.22
N LEU A 60 -0.39 20.49 -0.93
CA LEU A 60 -1.04 19.31 -0.38
C LEU A 60 -2.56 19.40 -0.53
N ASP A 61 -3.15 20.50 -0.05
CA ASP A 61 -4.60 20.66 -0.16
C ASP A 61 -5.09 20.53 -1.59
N THR A 62 -4.25 20.92 -2.56
CA THR A 62 -4.65 20.80 -3.96
C THR A 62 -4.85 19.34 -4.35
N ALA A 63 -3.87 18.48 -4.02
CA ALA A 63 -4.02 17.06 -4.30
C ALA A 63 -5.26 16.49 -3.61
N TYR A 64 -5.47 16.84 -2.35
CA TYR A 64 -6.65 16.37 -1.63
C TYR A 64 -7.93 16.74 -2.37
N ALA A 65 -7.96 17.94 -2.98
CA ALA A 65 -9.13 18.35 -3.73
C ALA A 65 -9.35 17.47 -4.95
N TYR A 66 -8.27 17.16 -5.68
CA TYR A 66 -8.40 16.28 -6.84
C TYR A 66 -8.90 14.90 -6.43
N TYR A 67 -8.36 14.35 -5.34
CA TYR A 67 -8.81 13.04 -4.87
C TYR A 67 -10.30 13.04 -4.59
N LYS A 68 -10.81 14.11 -3.97
CA LYS A 68 -12.24 14.21 -3.73
C LYS A 68 -13.05 14.38 -5.01
N ASP A 69 -12.40 14.67 -6.12
CA ASP A 69 -13.02 14.57 -7.43
C ASP A 69 -12.56 13.29 -8.11
N ASP A 70 -13.08 13.04 -9.31
CA ASP A 70 -12.74 11.83 -10.06
C ASP A 70 -11.42 11.95 -10.81
N GLU A 71 -10.64 13.00 -10.54
CA GLU A 71 -9.37 13.22 -11.24
C GLU A 71 -8.23 12.74 -10.34
N LYS A 72 -8.08 11.41 -10.27
CA LYS A 72 -7.06 10.82 -9.42
C LYS A 72 -5.67 10.94 -10.03
N ASP A 73 -5.56 10.99 -11.37
CA ASP A 73 -4.26 11.13 -12.00
C ASP A 73 -3.65 12.49 -11.70
N LYS A 74 -4.49 13.53 -11.63
CA LYS A 74 -4.00 14.86 -11.27
C LYS A 74 -3.49 14.90 -9.83
N ALA A 75 -4.09 14.10 -8.94
CA ALA A 75 -3.62 14.06 -7.56
C ALA A 75 -2.25 13.42 -7.44
N LEU A 76 -2.03 12.32 -8.17
CA LEU A 76 -0.73 11.64 -8.12
C LEU A 76 0.37 12.55 -8.65
N ALA A 77 0.07 13.36 -9.67
CA ALA A 77 1.06 14.30 -10.16
C ALA A 77 1.38 15.36 -9.10
N ALA A 78 0.35 15.90 -8.45
CA ALA A 78 0.56 16.91 -7.42
C ALA A 78 1.40 16.36 -6.28
N ILE A 79 1.20 15.09 -5.92
CA ILE A 79 1.92 14.50 -4.80
C ILE A 79 3.40 14.35 -5.16
N GLU A 80 3.70 13.81 -6.34
CA GLU A 80 5.09 13.60 -6.74
C GLU A 80 5.82 14.93 -6.84
N ARG A 81 5.19 15.95 -7.44
CA ARG A 81 5.80 17.27 -7.49
C ARG A 81 6.07 17.79 -6.08
N PHE A 82 5.11 17.61 -5.17
CA PHE A 82 5.30 18.05 -3.79
C PHE A 82 6.46 17.32 -3.13
N ARG A 83 6.61 16.02 -3.42
CA ARG A 83 7.63 15.24 -2.74
C ARG A 83 9.03 15.62 -3.18
N ARG A 84 9.21 15.97 -4.46
CA ARG A 84 10.53 16.36 -4.94
C ARG A 84 10.86 17.80 -4.58
N LEU A 85 9.86 18.69 -4.57
CA LEU A 85 10.11 20.09 -4.23
C LEU A 85 10.41 20.25 -2.74
N HIS A 86 9.58 19.65 -1.89
CA HIS A 86 9.67 19.82 -0.44
C HIS A 86 9.84 18.46 0.22
N PRO A 87 10.99 17.81 -0.01
CA PRO A 87 11.18 16.46 0.55
C PRO A 87 11.23 16.42 2.06
N GLN A 88 11.53 17.53 2.72
CA GLN A 88 11.64 17.59 4.17
C GLN A 88 10.48 18.34 4.81
N HIS A 89 9.31 18.28 4.19
CA HIS A 89 8.16 19.01 4.70
C HIS A 89 7.61 18.32 5.94
N PRO A 90 7.15 19.06 6.95
CA PRO A 90 6.63 18.41 8.17
C PRO A 90 5.45 17.50 7.91
N ASN A 91 4.62 17.81 6.92
CA ASN A 91 3.45 17.02 6.59
C ASN A 91 3.73 15.98 5.50
N MET A 92 4.99 15.59 5.32
CA MET A 92 5.31 14.57 4.34
C MET A 92 4.56 13.27 4.62
N ASP A 93 4.35 12.95 5.90
CA ASP A 93 3.65 11.72 6.24
C ASP A 93 2.25 11.70 5.64
N TYR A 94 1.54 12.83 5.73
CA TYR A 94 0.19 12.86 5.15
C TYR A 94 0.23 12.76 3.64
N ALA A 95 1.31 13.23 3.00
CA ALA A 95 1.44 13.09 1.56
C ALA A 95 1.46 11.61 1.17
N LEU A 96 2.32 10.83 1.82
CA LEU A 96 2.39 9.39 1.53
C LEU A 96 1.03 8.73 1.77
N TYR A 97 0.41 9.02 2.92
CA TYR A 97 -0.90 8.45 3.19
C TYR A 97 -1.91 8.82 2.12
N LEU A 98 -1.83 10.06 1.62
CA LEU A 98 -2.77 10.48 0.58
C LEU A 98 -2.52 9.73 -0.73
N ARG A 99 -1.26 9.43 -1.04
CA ARG A 99 -0.97 8.64 -2.23
C ARG A 99 -1.57 7.24 -2.11
N GLY A 100 -1.53 6.66 -0.91
CA GLY A 100 -2.11 5.34 -0.72
C GLY A 100 -3.61 5.33 -0.99
N LEU A 101 -4.34 6.31 -0.44
CA LEU A 101 -5.77 6.37 -0.67
C LEU A 101 -6.10 6.49 -2.15
N VAL A 102 -5.30 7.25 -2.89
CA VAL A 102 -5.55 7.42 -4.31
C VAL A 102 -5.35 6.12 -5.06
N LEU A 103 -4.19 5.49 -4.86
CA LEU A 103 -3.93 4.19 -5.49
C LEU A 103 -4.93 3.14 -5.00
N PHE A 104 -5.30 3.20 -3.73
CA PHE A 104 -6.29 2.30 -3.17
C PHE A 104 -7.68 2.61 -3.74
N ASN A 105 -8.38 1.55 -4.13
CA ASN A 105 -9.74 1.71 -4.64
C ASN A 105 -10.54 0.45 -4.33
N GLU A 106 -11.84 0.64 -4.09
CA GLU A 106 -12.74 -0.47 -3.80
C GLU A 106 -13.70 -0.71 -4.97
N ASP A 123 -7.23 -5.25 -8.09
CA ASP A 123 -6.29 -6.20 -8.66
C ASP A 123 -4.91 -6.04 -8.01
N PRO A 124 -4.02 -7.02 -8.21
CA PRO A 124 -2.70 -6.93 -7.58
C PRO A 124 -1.95 -5.65 -7.88
N LYS A 125 -2.03 -5.14 -9.11
CA LYS A 125 -1.30 -3.93 -9.48
C LYS A 125 -1.68 -2.76 -8.60
N ALA A 126 -2.96 -2.36 -8.64
CA ALA A 126 -3.40 -1.25 -7.82
C ALA A 126 -3.29 -1.57 -6.33
N ASN A 127 -3.44 -2.84 -5.96
CA ASN A 127 -3.38 -3.22 -4.55
C ASN A 127 -1.94 -3.23 -4.04
N ARG A 128 -0.99 -3.67 -4.88
CA ARG A 128 0.39 -3.73 -4.43
C ARG A 128 1.01 -2.33 -4.40
N GLU A 129 0.71 -1.49 -5.39
CA GLU A 129 1.19 -0.12 -5.36
C GLU A 129 0.67 0.62 -4.14
N ALA A 130 -0.55 0.31 -3.70
CA ALA A 130 -1.07 0.91 -2.48
C ALA A 130 -0.31 0.42 -1.26
N TYR A 131 -0.06 -0.90 -1.19
CA TYR A 131 0.69 -1.44 -0.07
C TYR A 131 2.07 -0.82 0.03
N GLN A 132 2.74 -0.64 -1.12
CA GLN A 132 4.06 -0.02 -1.10
C GLN A 132 3.98 1.43 -0.66
N ALA A 133 2.85 2.10 -0.91
CA ALA A 133 2.69 3.47 -0.46
C ALA A 133 2.56 3.53 1.06
N PHE A 134 1.64 2.77 1.64
CA PHE A 134 1.51 2.75 3.08
C PHE A 134 2.74 2.17 3.75
N ALA A 135 3.42 1.23 3.09
CA ALA A 135 4.63 0.64 3.66
C ALA A 135 5.72 1.69 3.84
N GLU A 136 5.96 2.50 2.81
CA GLU A 136 6.97 3.55 2.91
C GLU A 136 6.64 4.54 4.02
N LEU A 137 5.35 4.74 4.30
CA LEU A 137 4.94 5.68 5.34
C LEU A 137 5.15 5.14 6.74
N VAL A 138 4.85 3.86 6.96
CA VAL A 138 4.95 3.29 8.30
C VAL A 138 6.40 3.24 8.78
N GLN A 139 7.34 3.00 7.87
CA GLN A 139 8.74 2.86 8.25
C GLN A 139 9.52 4.17 8.15
N ARG A 140 8.96 5.21 7.53
CA ARG A 140 9.57 6.53 7.53
C ARG A 140 9.06 7.41 8.67
N PHE A 141 7.78 7.31 8.98
CA PHE A 141 7.14 8.11 10.03
C PHE A 141 6.27 7.20 10.88
N PRO A 142 6.87 6.32 11.67
CA PRO A 142 6.06 5.39 12.48
C PRO A 142 5.20 6.10 13.51
N ASN A 143 5.55 7.32 13.90
CA ASN A 143 4.78 8.08 14.88
C ASN A 143 3.75 8.99 14.23
N SER A 144 3.57 8.92 12.92
CA SER A 144 2.58 9.75 12.25
C SER A 144 1.19 9.47 12.79
N LYS A 145 0.36 10.52 12.82
CA LYS A 145 -1.04 10.35 13.18
C LYS A 145 -1.79 9.50 12.16
N TYR A 146 -1.16 9.16 11.04
CA TYR A 146 -1.76 8.30 10.02
C TYR A 146 -1.15 6.90 10.00
N ALA A 147 -0.14 6.63 10.84
CA ALA A 147 0.55 5.34 10.77
C ALA A 147 -0.40 4.19 11.09
N ALA A 148 -1.17 4.31 12.17
CA ALA A 148 -2.08 3.23 12.55
C ALA A 148 -3.07 2.93 11.43
N ASP A 149 -3.62 3.96 10.80
CA ASP A 149 -4.52 3.75 9.68
C ASP A 149 -3.79 3.14 8.48
N ALA A 150 -2.54 3.53 8.27
CA ALA A 150 -1.75 2.94 7.20
C ALA A 150 -1.53 1.46 7.45
N THR A 151 -1.14 1.10 8.67
CA THR A 151 -0.97 -0.29 9.04
C THR A 151 -2.27 -1.06 8.85
N ALA A 152 -3.39 -0.50 9.30
CA ALA A 152 -4.67 -1.20 9.18
C ALA A 152 -4.99 -1.49 7.72
N ARG A 153 -4.63 -0.59 6.81
CA ARG A 153 -4.89 -0.83 5.39
C ARG A 153 -3.88 -1.81 4.80
N MET A 154 -2.63 -1.76 5.25
CA MET A 154 -1.64 -2.73 4.80
C MET A 154 -2.09 -4.15 5.10
N VAL A 155 -2.66 -4.38 6.29
CA VAL A 155 -3.09 -5.72 6.67
C VAL A 155 -4.19 -6.21 5.74
N LYS A 156 -5.15 -5.34 5.41
CA LYS A 156 -6.23 -5.74 4.53
C LYS A 156 -5.72 -6.04 3.12
N LEU A 157 -4.65 -5.36 2.70
CA LEU A 157 -4.14 -5.54 1.35
C LEU A 157 -3.32 -6.82 1.24
N VAL A 158 -2.40 -7.05 2.18
CA VAL A 158 -1.58 -8.26 2.14
C VAL A 158 -2.47 -9.50 2.23
N ASP A 159 -3.58 -9.41 2.96
CA ASP A 159 -4.51 -10.53 3.02
C ASP A 159 -5.16 -10.78 1.67
N ALA A 160 -5.46 -9.71 0.93
CA ALA A 160 -6.02 -9.87 -0.40
C ALA A 160 -5.00 -10.42 -1.38
N LEU A 161 -3.77 -9.89 -1.33
CA LEU A 161 -2.71 -10.39 -2.19
C LEU A 161 -2.33 -11.82 -1.81
N GLY A 162 -2.12 -12.07 -0.52
CA GLY A 162 -1.79 -13.40 -0.07
C GLY A 162 -2.84 -14.43 -0.47
N GLY A 163 -4.11 -14.07 -0.33
CA GLY A 163 -5.18 -14.96 -0.75
C GLY A 163 -5.22 -15.19 -2.24
N ASN A 164 -4.74 -14.22 -3.02
CA ASN A 164 -4.70 -14.38 -4.46
C ASN A 164 -3.56 -15.31 -4.88
N GLU A 165 -2.34 -15.02 -4.43
CA GLU A 165 -1.21 -15.90 -4.71
C GLU A 165 -1.49 -17.32 -4.20
N MET A 166 -2.13 -17.44 -3.04
CA MET A 166 -2.47 -18.76 -2.52
C MET A 166 -3.44 -19.47 -3.45
N SER A 167 -4.38 -18.72 -4.04
CA SER A 167 -5.34 -19.33 -4.96
C SER A 167 -4.64 -19.87 -6.21
N VAL A 168 -3.67 -19.13 -6.72
CA VAL A 168 -2.91 -19.60 -7.88
C VAL A 168 -2.06 -20.81 -7.50
N ALA A 169 -1.51 -20.80 -6.28
CA ALA A 169 -0.70 -21.94 -5.83
C ALA A 169 -1.52 -23.22 -5.88
N ARG A 170 -2.75 -23.19 -5.37
CA ARG A 170 -3.62 -24.35 -5.44
C ARG A 170 -3.92 -24.72 -6.88
N TYR A 171 -4.11 -23.72 -7.73
CA TYR A 171 -4.45 -23.99 -9.13
C TYR A 171 -3.35 -24.80 -9.81
N TYR A 172 -2.10 -24.34 -9.71
CA TYR A 172 -1.02 -25.03 -10.40
C TYR A 172 -0.69 -26.36 -9.75
N MET A 173 -0.98 -26.50 -8.45
CA MET A 173 -0.82 -27.80 -7.79
C MET A 173 -1.74 -28.83 -8.43
N LYS A 174 -3.02 -28.49 -8.59
CA LYS A 174 -3.98 -29.43 -9.17
C LYS A 174 -3.61 -29.83 -10.58
N ARG A 175 -2.83 -29.00 -11.29
CA ARG A 175 -2.48 -29.27 -12.68
C ARG A 175 -1.10 -29.90 -12.82
N GLY A 176 -0.52 -30.39 -11.73
CA GLY A 176 0.80 -30.98 -11.79
C GLY A 176 1.91 -30.03 -12.16
N ALA A 177 1.67 -28.72 -12.10
CA ALA A 177 2.69 -27.72 -12.38
C ALA A 177 3.33 -27.32 -11.05
N TYR A 178 4.21 -28.18 -10.56
CA TYR A 178 4.73 -28.03 -9.20
C TYR A 178 5.72 -26.87 -9.10
N ILE A 179 6.49 -26.61 -10.15
CA ILE A 179 7.40 -25.47 -10.14
C ILE A 179 6.61 -24.17 -10.09
N ALA A 180 5.66 -24.01 -11.01
CA ALA A 180 4.82 -22.82 -11.00
C ALA A 180 4.11 -22.66 -9.67
N ALA A 181 3.63 -23.76 -9.10
CA ALA A 181 2.95 -23.70 -7.82
C ALA A 181 3.90 -23.25 -6.72
N ALA A 182 5.11 -23.80 -6.69
CA ALA A 182 6.07 -23.45 -5.64
C ALA A 182 6.40 -21.96 -5.68
N ASN A 183 6.54 -21.40 -6.87
CA ASN A 183 6.87 -19.98 -6.98
C ASN A 183 5.83 -19.12 -6.27
N ARG A 184 4.54 -19.50 -6.35
CA ARG A 184 3.51 -18.78 -5.61
C ARG A 184 3.67 -18.97 -4.11
N ALA A 185 4.06 -20.17 -3.68
CA ALA A 185 4.22 -20.43 -2.25
C ALA A 185 5.42 -19.69 -1.69
N LYS A 186 6.53 -19.64 -2.43
CA LYS A 186 7.70 -18.90 -1.97
C LYS A 186 7.38 -17.43 -1.80
N LYS A 187 6.56 -16.87 -2.68
CA LYS A 187 6.19 -15.46 -2.57
C LYS A 187 5.48 -15.19 -1.26
N ILE A 188 4.46 -15.99 -0.93
CA ILE A 188 3.76 -15.84 0.33
C ILE A 188 4.74 -15.96 1.50
N ILE A 189 5.56 -17.01 1.48
CA ILE A 189 6.52 -17.23 2.56
C ILE A 189 7.50 -16.06 2.65
N GLY A 190 7.89 -15.52 1.50
CA GLY A 190 8.91 -14.49 1.47
C GLY A 190 8.41 -13.08 1.68
N SER A 191 7.22 -12.76 1.15
CA SER A 191 6.72 -11.40 1.15
C SER A 191 5.56 -11.16 2.13
N TYR A 192 4.74 -12.17 2.40
CA TYR A 192 3.58 -11.99 3.28
C TYR A 192 3.74 -12.86 4.52
N GLN A 193 4.87 -12.72 5.21
CA GLN A 193 5.23 -13.64 6.29
C GLN A 193 4.25 -13.61 7.44
N ASN A 194 3.45 -12.55 7.57
CA ASN A 194 2.56 -12.40 8.71
C ASN A 194 1.13 -12.83 8.45
N THR A 195 0.80 -13.15 7.20
CA THR A 195 -0.56 -13.58 6.88
C THR A 195 -0.81 -15.00 7.38
N ARG A 196 -2.08 -15.39 7.37
CA ARG A 196 -2.46 -16.73 7.80
C ARG A 196 -2.19 -17.80 6.74
N TYR A 197 -1.89 -17.41 5.50
CA TYR A 197 -1.64 -18.35 4.43
C TYR A 197 -0.28 -19.01 4.51
N VAL A 198 0.58 -18.59 5.45
CA VAL A 198 1.95 -19.08 5.49
C VAL A 198 1.96 -20.58 5.77
N GLU A 199 1.16 -21.02 6.73
CA GLU A 199 1.14 -22.44 7.12
C GLU A 199 0.90 -23.33 5.90
N GLU A 200 -0.21 -23.11 5.21
CA GLU A 200 -0.55 -23.94 4.06
C GLU A 200 0.43 -23.76 2.92
N SER A 201 1.13 -22.62 2.85
CA SER A 201 2.12 -22.42 1.80
C SER A 201 3.35 -23.30 2.03
N LEU A 202 3.69 -23.55 3.30
CA LEU A 202 4.80 -24.46 3.59
C LEU A 202 4.45 -25.89 3.18
N ALA A 203 3.28 -26.38 3.61
CA ALA A 203 2.88 -27.72 3.24
C ALA A 203 2.85 -27.90 1.72
N ILE A 204 2.38 -26.89 1.00
CA ILE A 204 2.44 -26.93 -0.46
C ILE A 204 3.88 -26.99 -0.93
N LEU A 205 4.71 -26.08 -0.42
CA LEU A 205 6.11 -26.05 -0.85
C LEU A 205 6.81 -27.36 -0.54
N GLU A 206 6.51 -27.96 0.62
CA GLU A 206 7.09 -29.25 0.95
C GLU A 206 6.71 -30.30 -0.08
N LEU A 207 5.40 -30.50 -0.27
CA LEU A 207 4.94 -31.47 -1.26
C LEU A 207 5.51 -31.16 -2.64
N ALA A 208 5.55 -29.89 -3.01
CA ALA A 208 6.10 -29.51 -4.31
C ALA A 208 7.54 -30.00 -4.45
N TYR A 209 8.37 -29.77 -3.43
CA TYR A 209 9.76 -30.18 -3.50
C TYR A 209 9.90 -31.70 -3.59
N LYS A 210 8.95 -32.45 -3.03
CA LYS A 210 8.99 -33.90 -3.15
C LYS A 210 8.74 -34.34 -4.59
N LYS A 211 7.71 -33.78 -5.22
CA LYS A 211 7.34 -34.23 -6.56
C LYS A 211 8.47 -34.04 -7.56
N LEU A 212 9.15 -32.90 -7.52
CA LEU A 212 10.23 -32.60 -8.45
C LEU A 212 11.59 -33.03 -7.92
N ASP A 213 11.63 -33.77 -6.81
CA ASP A 213 12.86 -34.40 -6.32
C ASP A 213 13.94 -33.37 -5.99
N LYS A 214 13.60 -32.49 -5.04
CA LYS A 214 14.57 -31.64 -4.35
C LYS A 214 14.48 -31.98 -2.87
N PRO A 215 14.99 -33.15 -2.46
CA PRO A 215 14.67 -33.65 -1.11
C PRO A 215 15.27 -32.82 0.00
N GLN A 216 16.43 -32.19 -0.21
CA GLN A 216 17.01 -31.36 0.83
C GLN A 216 16.14 -30.14 1.11
N LEU A 217 15.64 -29.49 0.06
CA LEU A 217 14.74 -28.37 0.24
C LEU A 217 13.42 -28.80 0.86
N ALA A 218 12.98 -30.02 0.58
CA ALA A 218 11.74 -30.51 1.18
C ALA A 218 11.91 -30.69 2.69
N ALA A 219 13.00 -31.34 3.11
CA ALA A 219 13.26 -31.51 4.52
C ALA A 219 13.41 -30.16 5.22
N ASP A 220 14.15 -29.23 4.60
CA ASP A 220 14.30 -27.90 5.18
C ASP A 220 12.95 -27.22 5.37
N THR A 221 12.04 -27.40 4.41
CA THR A 221 10.72 -26.78 4.51
C THR A 221 9.94 -27.36 5.69
N ARG A 222 9.87 -28.68 5.79
CA ARG A 222 9.20 -29.30 6.93
C ARG A 222 9.85 -28.88 8.24
N ARG A 223 11.16 -28.64 8.23
CA ARG A 223 11.83 -28.16 9.44
C ARG A 223 11.30 -26.78 9.84
N VAL A 224 10.95 -25.95 8.86
CA VAL A 224 10.35 -24.65 9.15
C VAL A 224 8.92 -24.82 9.65
N LEU A 225 8.14 -25.68 8.98
CA LEU A 225 6.78 -25.95 9.43
C LEU A 225 6.77 -26.54 10.83
N GLU A 226 7.75 -27.39 11.14
CA GLU A 226 7.79 -28.03 12.45
C GLU A 226 7.96 -27.00 13.57
N THR A 227 8.83 -26.02 13.36
CA THR A 227 9.16 -25.08 14.43
C THR A 227 8.16 -23.94 14.53
N ASN A 228 7.71 -23.40 13.40
CA ASN A 228 6.82 -22.25 13.42
C ASN A 228 5.38 -22.64 13.76
N PHE A 229 4.99 -23.87 13.46
CA PHE A 229 3.63 -24.37 13.73
C PHE A 229 3.77 -25.75 14.35
N PRO A 230 4.01 -25.82 15.67
CA PRO A 230 4.26 -27.12 16.30
C PRO A 230 3.16 -28.14 16.06
N LYS A 231 1.91 -27.77 16.28
CA LYS A 231 0.77 -28.67 16.11
C LYS A 231 -0.01 -28.28 14.86
N SER A 232 0.59 -28.56 13.71
CA SER A 232 -0.05 -28.28 12.43
C SER A 232 -0.62 -29.56 11.83
N PRO A 233 -1.84 -29.53 11.27
CA PRO A 233 -2.36 -30.74 10.64
C PRO A 233 -1.48 -31.25 9.51
N PHE A 234 -0.70 -30.37 8.88
CA PHE A 234 0.13 -30.76 7.75
C PHE A 234 1.36 -31.56 8.17
N LEU A 235 1.60 -31.72 9.48
CA LEU A 235 2.70 -32.57 9.93
C LEU A 235 2.28 -34.04 9.91
N THR A 236 1.03 -34.33 10.26
CA THR A 236 0.53 -35.69 10.23
C THR A 236 -0.11 -36.04 8.90
N HIS A 237 -0.69 -35.06 8.21
CA HIS A 237 -1.25 -35.26 6.88
C HIS A 237 -0.45 -34.47 5.85
N ALA A 238 -0.62 -34.83 4.59
CA ALA A 238 -0.03 -34.09 3.49
C ALA A 238 -1.05 -33.10 2.94
N TRP A 239 -0.68 -32.40 1.86
CA TRP A 239 -1.55 -31.37 1.31
C TRP A 239 -2.84 -31.99 0.77
N GLN A 240 -3.92 -31.21 0.87
CA GLN A 240 -5.28 -31.69 0.59
C GLN A 240 -5.85 -30.94 -0.60
N PRO A 241 -5.63 -31.44 -1.83
CA PRO A 241 -6.25 -30.79 -3.00
C PRO A 241 -7.78 -30.81 -2.96
#